data_6W9A
#
_entry.id   6W9A
#
_cell.length_a   81.355
_cell.length_b   81.355
_cell.length_c   98.247
_cell.angle_alpha   90.000
_cell.angle_beta   90.000
_cell.angle_gamma   120.000
#
_symmetry.space_group_name_H-M   'P 31'
#
loop_
_entity.id
_entity.type
_entity.pdbx_description
1 polymer 'Ubiquitin-conjugating enzyme E2 E2'
2 polymer 'E3 ubiquitin-protein ligase RLIM'
3 non-polymer GLYCEROL
4 non-polymer 'ZINC ION'
5 water water
#
loop_
_entity_poly.entity_id
_entity_poly.type
_entity_poly.pdbx_seq_one_letter_code
_entity_poly.pdbx_strand_id
1 'polypeptide(L)'
;GPLGSEPEREQVQPKKKEGKISSKTAAKLSTSAKRIQKELAEITLDPPPNCSAGPKGDNIYEWRSTILGPPGSVYEGGVF
FLDITFSPDYPFKPPKVTFRTRIYHCNINSQGVICLDILKDNWSPALTISKVLLSICSLLTDCNPADPLVGSIATQYMTN
RAEHDRMARQWTKRYAT
;
A,C
2 'polypeptide(L)'
;GPLGSLAQFFLLNEDDDDQPRGLTKEQIDNLAMRSFGENDALKTCSVCITEYTEGNKLRKLPCSHEYHVHCIDRWLSENS
TCPICRRAVLASGNRESV
;
B,D
#
# COMPACT_ATOMS: atom_id res chain seq x y z
N LYS A 24 -26.12 -21.38 -4.34
CA LYS A 24 -26.94 -20.18 -4.48
C LYS A 24 -26.44 -19.31 -5.64
N THR A 25 -25.26 -19.66 -6.18
CA THR A 25 -24.66 -19.00 -7.35
C THR A 25 -24.19 -17.59 -7.00
N ALA A 26 -24.68 -17.04 -5.88
CA ALA A 26 -23.89 -16.04 -5.22
C ALA A 26 -22.46 -16.50 -4.95
N ALA A 27 -22.16 -17.81 -5.14
CA ALA A 27 -20.79 -18.34 -5.08
C ALA A 27 -19.82 -17.71 -6.06
N LYS A 28 -20.27 -16.84 -6.96
CA LYS A 28 -19.28 -16.03 -7.67
C LYS A 28 -18.66 -14.99 -6.77
N LEU A 29 -19.13 -14.89 -5.52
CA LEU A 29 -18.32 -14.28 -4.47
C LEU A 29 -16.98 -14.99 -4.34
N SER A 30 -16.98 -16.31 -4.48
CA SER A 30 -15.74 -17.09 -4.42
C SER A 30 -14.79 -16.71 -5.55
N THR A 31 -15.30 -16.70 -6.79
CA THR A 31 -14.53 -16.19 -7.91
C THR A 31 -13.94 -14.81 -7.62
N SER A 32 -14.77 -13.85 -7.20
CA SER A 32 -14.24 -12.49 -7.05
C SER A 32 -13.19 -12.45 -5.94
N ALA A 33 -13.49 -13.07 -4.79
CA ALA A 33 -12.58 -13.03 -3.65
C ALA A 33 -11.23 -13.71 -3.96
N LYS A 34 -11.25 -14.85 -4.65
CA LYS A 34 -9.98 -15.48 -5.00
C LYS A 34 -9.15 -14.56 -5.87
N ARG A 35 -9.79 -13.85 -6.80
CA ARG A 35 -9.01 -13.04 -7.73
C ARG A 35 -8.44 -11.82 -7.02
N ILE A 36 -9.23 -11.18 -6.15
CA ILE A 36 -8.76 -10.04 -5.40
C ILE A 36 -7.66 -10.46 -4.43
N GLN A 37 -7.80 -11.62 -3.81
CA GLN A 37 -6.79 -12.11 -2.88
C GLN A 37 -5.46 -12.32 -3.59
N LYS A 38 -5.48 -12.89 -4.80
CA LYS A 38 -4.22 -13.03 -5.54
C LYS A 38 -3.66 -11.67 -5.94
N GLU A 39 -4.51 -10.75 -6.38
CA GLU A 39 -4.02 -9.43 -6.79
C GLU A 39 -3.42 -8.67 -5.61
N LEU A 40 -4.02 -8.81 -4.42
CA LEU A 40 -3.46 -8.16 -3.23
C LEU A 40 -2.03 -8.62 -3.00
N ALA A 41 -1.78 -9.93 -3.07
CA ALA A 41 -0.43 -10.42 -2.89
C ALA A 41 0.50 -9.80 -3.93
N GLU A 42 0.09 -9.84 -5.21
CA GLU A 42 0.95 -9.39 -6.30
C GLU A 42 1.20 -7.89 -6.25
N ILE A 43 0.19 -7.10 -5.87
CA ILE A 43 0.42 -5.67 -5.84
C ILE A 43 1.21 -5.24 -4.62
N THR A 44 1.34 -6.11 -3.61
CA THR A 44 2.20 -5.79 -2.48
C THR A 44 3.65 -6.08 -2.81
N LEU A 45 3.91 -7.20 -3.47
CA LEU A 45 5.28 -7.55 -3.75
C LEU A 45 5.83 -6.81 -4.97
N ASP A 46 4.95 -6.34 -5.87
CA ASP A 46 5.35 -5.70 -7.12
C ASP A 46 4.39 -4.54 -7.43
N PRO A 47 4.36 -3.51 -6.59
CA PRO A 47 3.46 -2.38 -6.84
C PRO A 47 3.87 -1.61 -8.07
N PRO A 48 2.92 -1.00 -8.79
CA PRO A 48 3.30 -0.10 -9.87
C PRO A 48 4.07 1.09 -9.32
N PRO A 49 4.91 1.72 -10.15
CA PRO A 49 5.72 2.86 -9.64
C PRO A 49 4.82 3.95 -9.05
N ASN A 50 5.19 4.42 -7.85
CA ASN A 50 4.54 5.52 -7.15
C ASN A 50 3.07 5.27 -6.84
N CYS A 51 2.66 4.00 -6.74
CA CYS A 51 1.32 3.67 -6.27
C CYS A 51 1.41 2.59 -5.22
N SER A 52 0.53 2.67 -4.23
CA SER A 52 0.21 1.54 -3.38
C SER A 52 -1.30 1.42 -3.29
N ALA A 53 -1.76 0.24 -2.87
CA ALA A 53 -3.19 -0.01 -2.73
C ALA A 53 -3.39 -1.20 -1.81
N GLY A 54 -4.51 -1.18 -1.08
CA GLY A 54 -4.88 -2.29 -0.24
C GLY A 54 -6.24 -2.13 0.40
N PRO A 55 -6.73 -3.22 0.98
CA PRO A 55 -8.01 -3.16 1.70
C PRO A 55 -7.98 -2.14 2.80
N LYS A 56 -9.08 -1.41 2.95
CA LYS A 56 -9.26 -0.50 4.08
C LYS A 56 -9.37 -1.28 5.39
N GLY A 57 -10.07 -2.40 5.37
CA GLY A 57 -10.34 -3.16 6.57
C GLY A 57 -10.58 -4.62 6.27
N ASP A 58 -11.64 -5.18 6.85
CA ASP A 58 -11.90 -6.61 6.74
C ASP A 58 -12.54 -6.99 5.40
N ASN A 59 -13.21 -6.05 4.74
CA ASN A 59 -13.87 -6.30 3.47
C ASN A 59 -12.84 -6.22 2.36
N ILE A 60 -12.46 -7.39 1.84
CA ILE A 60 -11.61 -7.52 0.66
C ILE A 60 -12.07 -6.71 -0.55
N TYR A 61 -13.36 -6.38 -0.65
CA TYR A 61 -13.86 -5.69 -1.84
C TYR A 61 -13.68 -4.18 -1.81
N GLU A 62 -13.17 -3.62 -0.71
CA GLU A 62 -13.11 -2.15 -0.56
C GLU A 62 -11.69 -1.79 -0.21
N TRP A 63 -10.98 -1.24 -1.20
CA TRP A 63 -9.59 -0.88 -1.08
C TRP A 63 -9.42 0.64 -1.06
N ARG A 64 -8.24 1.05 -0.61
CA ARG A 64 -7.76 2.41 -0.65
C ARG A 64 -6.44 2.41 -1.40
N SER A 65 -6.11 3.53 -2.00
CA SER A 65 -4.91 3.58 -2.82
C SER A 65 -4.29 4.97 -2.70
N THR A 66 -2.96 5.01 -2.72
CA THR A 66 -2.22 6.25 -2.85
C THR A 66 -1.49 6.30 -4.18
N ILE A 67 -1.59 7.44 -4.87
CA ILE A 67 -0.87 7.74 -6.10
C ILE A 67 -0.04 9.00 -5.88
N LEU A 68 1.24 8.95 -6.25
CA LEU A 68 2.08 10.15 -6.25
C LEU A 68 1.97 10.81 -7.60
N GLY A 69 1.87 12.14 -7.62
CA GLY A 69 1.84 12.87 -8.87
C GLY A 69 3.06 12.53 -9.69
N PRO A 70 2.86 12.16 -10.96
CA PRO A 70 3.97 11.80 -11.83
C PRO A 70 5.01 12.91 -11.91
N PRO A 71 6.28 12.57 -11.76
CA PRO A 71 7.34 13.58 -11.91
C PRO A 71 7.31 14.19 -13.30
N GLY A 72 7.56 15.51 -13.36
CA GLY A 72 7.49 16.27 -14.59
C GLY A 72 6.11 16.79 -14.93
N SER A 73 5.06 16.35 -14.25
CA SER A 73 3.72 16.83 -14.55
C SER A 73 3.32 17.92 -13.56
N VAL A 74 2.24 18.64 -13.89
CA VAL A 74 1.69 19.65 -12.98
C VAL A 74 1.21 19.05 -11.66
N TYR A 75 1.13 17.73 -11.54
CA TYR A 75 0.72 17.06 -10.30
C TYR A 75 1.91 16.59 -9.49
N GLU A 76 3.13 16.90 -9.92
CA GLU A 76 4.34 16.47 -9.22
C GLU A 76 4.33 17.01 -7.80
N GLY A 77 4.74 16.14 -6.85
CA GLY A 77 4.69 16.47 -5.45
C GLY A 77 3.33 16.29 -4.80
N GLY A 78 2.29 16.03 -5.57
CA GLY A 78 1.00 15.70 -4.97
C GLY A 78 0.92 14.27 -4.46
N VAL A 79 0.12 14.10 -3.42
CA VAL A 79 -0.25 12.79 -2.90
C VAL A 79 -1.77 12.66 -3.00
N PHE A 80 -2.23 11.72 -3.81
CA PHE A 80 -3.64 11.59 -4.13
C PHE A 80 -4.16 10.26 -3.62
N PHE A 81 -5.38 10.28 -3.09
CA PHE A 81 -6.01 9.10 -2.54
C PHE A 81 -7.17 8.71 -3.41
N LEU A 82 -7.29 7.41 -3.66
CA LEU A 82 -8.36 6.84 -4.45
C LEU A 82 -9.10 5.81 -3.63
N ASP A 83 -10.43 5.73 -3.82
CA ASP A 83 -11.22 4.60 -3.35
C ASP A 83 -11.38 3.58 -4.48
N ILE A 84 -11.32 2.31 -4.13
CA ILE A 84 -11.49 1.21 -5.07
C ILE A 84 -12.50 0.23 -4.50
N THR A 85 -13.58 -0.02 -5.24
CA THR A 85 -14.60 -0.97 -4.83
C THR A 85 -14.77 -2.00 -5.94
N PHE A 86 -14.59 -3.27 -5.59
CA PHE A 86 -14.79 -4.37 -6.52
C PHE A 86 -16.21 -4.88 -6.39
N SER A 87 -16.76 -5.32 -7.49
CA SER A 87 -18.09 -5.90 -7.32
C SER A 87 -17.98 -7.40 -7.14
N PRO A 88 -19.03 -8.07 -6.66
CA PRO A 88 -19.00 -9.54 -6.66
C PRO A 88 -18.80 -10.14 -8.03
N ASP A 89 -19.07 -9.38 -9.10
CA ASP A 89 -18.87 -9.83 -10.47
C ASP A 89 -17.42 -9.74 -10.93
N TYR A 90 -16.55 -9.08 -10.17
CA TYR A 90 -15.17 -8.90 -10.58
C TYR A 90 -14.55 -10.27 -10.85
N PRO A 91 -13.74 -10.41 -11.91
CA PRO A 91 -13.21 -9.36 -12.78
C PRO A 91 -14.00 -9.18 -14.06
N PHE A 92 -15.24 -9.69 -14.11
CA PHE A 92 -16.04 -9.57 -15.31
C PHE A 92 -16.77 -8.24 -15.39
N LYS A 93 -16.72 -7.43 -14.34
CA LYS A 93 -17.15 -6.04 -14.36
C LYS A 93 -16.05 -5.18 -13.76
N PRO A 94 -15.84 -3.97 -14.28
CA PRO A 94 -14.74 -3.15 -13.80
C PRO A 94 -14.94 -2.75 -12.35
N PRO A 95 -13.87 -2.53 -11.60
CA PRO A 95 -14.01 -1.93 -10.28
C PRO A 95 -14.44 -0.48 -10.42
N LYS A 96 -15.06 0.03 -9.37
CA LYS A 96 -15.36 1.45 -9.26
C LYS A 96 -14.16 2.13 -8.59
N VAL A 97 -13.57 3.10 -9.27
CA VAL A 97 -12.40 3.81 -8.77
C VAL A 97 -12.70 5.31 -8.79
N THR A 98 -12.62 5.97 -7.64
CA THR A 98 -12.93 7.39 -7.57
C THR A 98 -11.82 8.11 -6.82
N PHE A 99 -11.50 9.33 -7.27
CA PHE A 99 -10.51 10.14 -6.57
C PHE A 99 -11.14 10.72 -5.32
N ARG A 100 -10.45 10.57 -4.19
CA ARG A 100 -10.87 11.20 -2.95
C ARG A 100 -10.09 12.48 -2.65
N THR A 101 -9.06 12.80 -3.42
CA THR A 101 -8.32 14.06 -3.33
C THR A 101 -8.75 14.98 -4.48
N ARG A 102 -8.92 16.26 -4.18
CA ARG A 102 -9.23 17.20 -5.24
C ARG A 102 -8.07 17.28 -6.20
N ILE A 103 -8.38 17.35 -7.49
CA ILE A 103 -7.35 17.42 -8.51
C ILE A 103 -7.93 18.22 -9.66
N TYR A 104 -7.09 19.02 -10.28
CA TYR A 104 -7.49 19.90 -11.38
C TYR A 104 -7.14 19.19 -12.68
N HIS A 105 -8.11 18.50 -13.28
CA HIS A 105 -7.82 17.59 -14.39
C HIS A 105 -9.09 17.38 -15.19
N CYS A 106 -9.03 17.59 -16.51
CA CYS A 106 -10.25 17.61 -17.30
C CYS A 106 -10.95 16.25 -17.40
N ASN A 107 -10.33 15.15 -16.94
CA ASN A 107 -10.99 13.84 -16.97
C ASN A 107 -11.37 13.35 -15.57
N ILE A 108 -11.26 14.20 -14.55
CA ILE A 108 -11.61 13.85 -13.17
C ILE A 108 -12.43 15.00 -12.60
N ASN A 109 -13.70 14.74 -12.27
CA ASN A 109 -14.57 15.82 -11.82
C ASN A 109 -14.61 15.90 -10.29
N SER A 110 -15.42 16.84 -9.78
CA SER A 110 -15.43 17.14 -8.35
C SER A 110 -16.12 16.06 -7.54
N GLN A 111 -16.81 15.12 -8.19
CA GLN A 111 -17.27 13.88 -7.58
C GLN A 111 -16.16 12.83 -7.49
N GLY A 112 -14.98 13.10 -8.04
CA GLY A 112 -13.95 12.09 -8.14
C GLY A 112 -14.16 11.04 -9.20
N VAL A 113 -15.17 11.20 -10.07
CA VAL A 113 -15.37 10.28 -11.18
C VAL A 113 -14.20 10.40 -12.16
N ILE A 114 -13.67 9.26 -12.61
CA ILE A 114 -12.55 9.24 -13.54
C ILE A 114 -13.08 8.83 -14.91
N CYS A 115 -12.82 9.66 -15.93
CA CYS A 115 -13.19 9.31 -17.30
C CYS A 115 -12.02 8.56 -17.91
N LEU A 116 -12.11 7.24 -17.93
CA LEU A 116 -11.05 6.37 -18.42
C LEU A 116 -11.70 5.18 -19.09
N ASP A 117 -11.34 4.90 -20.35
CA ASP A 117 -12.10 3.96 -21.15
C ASP A 117 -12.16 2.59 -20.49
N ILE A 118 -11.05 2.14 -19.89
CA ILE A 118 -11.04 0.78 -19.37
C ILE A 118 -11.87 0.64 -18.12
N LEU A 119 -12.36 1.75 -17.57
CA LEU A 119 -13.31 1.70 -16.46
C LEU A 119 -14.75 1.72 -16.95
N LYS A 120 -14.99 2.02 -18.22
CA LYS A 120 -16.34 1.90 -18.78
C LYS A 120 -16.39 0.66 -19.70
N ASP A 121 -16.69 0.84 -20.97
CA ASP A 121 -16.93 -0.24 -21.90
C ASP A 121 -15.67 -0.76 -22.58
N ASN A 122 -14.50 -0.30 -22.18
CA ASN A 122 -13.28 -0.94 -22.63
C ASN A 122 -12.68 -1.84 -21.55
N TRP A 123 -13.45 -2.15 -20.51
CA TRP A 123 -12.98 -3.05 -19.48
C TRP A 123 -12.81 -4.44 -20.05
N SER A 124 -11.81 -5.17 -19.54
CA SER A 124 -11.51 -6.54 -19.92
C SER A 124 -11.24 -7.34 -18.66
N PRO A 125 -11.68 -8.60 -18.61
CA PRO A 125 -11.37 -9.45 -17.46
C PRO A 125 -9.89 -9.80 -17.33
N ALA A 126 -9.09 -9.59 -18.38
CA ALA A 126 -7.65 -9.80 -18.22
C ALA A 126 -6.95 -8.61 -17.56
N LEU A 127 -7.65 -7.51 -17.35
CA LEU A 127 -7.04 -6.40 -16.68
C LEU A 127 -6.92 -6.69 -15.18
N THR A 128 -6.09 -5.89 -14.52
CA THR A 128 -5.83 -6.02 -13.10
C THR A 128 -5.85 -4.64 -12.50
N ILE A 129 -5.93 -4.57 -11.18
CA ILE A 129 -5.93 -3.26 -10.55
C ILE A 129 -4.58 -2.58 -10.75
N SER A 130 -3.50 -3.35 -10.79
CA SER A 130 -2.22 -2.73 -11.11
C SER A 130 -2.27 -2.03 -12.47
N LYS A 131 -2.80 -2.72 -13.49
CA LYS A 131 -2.95 -2.08 -14.81
C LYS A 131 -3.83 -0.83 -14.73
N VAL A 132 -4.90 -0.88 -13.93
CA VAL A 132 -5.76 0.30 -13.78
C VAL A 132 -4.97 1.47 -13.19
N LEU A 133 -4.16 1.19 -12.16
CA LEU A 133 -3.41 2.29 -11.56
C LEU A 133 -2.36 2.82 -12.51
N LEU A 134 -1.75 1.94 -13.32
CA LEU A 134 -0.82 2.44 -14.32
C LEU A 134 -1.54 3.33 -15.33
N SER A 135 -2.74 2.95 -15.78
CA SER A 135 -3.44 3.81 -16.74
C SER A 135 -3.78 5.15 -16.11
N ILE A 136 -4.19 5.14 -14.84
CA ILE A 136 -4.54 6.40 -14.19
C ILE A 136 -3.32 7.31 -14.14
N CYS A 137 -2.13 6.75 -13.81
CA CYS A 137 -0.91 7.54 -13.82
C CYS A 137 -0.62 8.09 -15.21
N SER A 138 -0.79 7.24 -16.23
CA SER A 138 -0.65 7.70 -17.60
C SER A 138 -1.63 8.84 -17.91
N LEU A 139 -2.84 8.78 -17.34
CA LEU A 139 -3.84 9.82 -17.62
C LEU A 139 -3.47 11.13 -16.92
N LEU A 140 -2.90 11.04 -15.71
CA LEU A 140 -2.35 12.22 -15.05
C LEU A 140 -1.25 12.85 -15.88
N THR A 141 -0.41 12.02 -16.51
CA THR A 141 0.68 12.54 -17.32
C THR A 141 0.17 13.21 -18.59
N ASP A 142 -0.83 12.59 -19.25
CA ASP A 142 -1.36 13.06 -20.54
C ASP A 142 -2.89 13.02 -20.48
N CYS A 143 -3.51 14.15 -20.17
CA CYS A 143 -4.97 14.10 -20.10
C CYS A 143 -5.55 13.90 -21.50
N ASN A 144 -6.85 13.61 -21.55
CA ASN A 144 -7.54 13.41 -22.83
C ASN A 144 -8.61 14.48 -22.94
N PRO A 145 -8.28 15.66 -23.46
CA PRO A 145 -9.29 16.73 -23.53
C PRO A 145 -10.35 16.48 -24.61
N ALA A 146 -10.19 15.47 -25.46
CA ALA A 146 -11.25 15.10 -26.38
C ALA A 146 -12.39 14.34 -25.71
N ASP A 147 -12.18 13.83 -24.49
CA ASP A 147 -13.22 13.09 -23.75
C ASP A 147 -13.31 13.68 -22.36
N PRO A 148 -13.68 14.95 -22.23
CA PRO A 148 -13.58 15.62 -20.93
C PRO A 148 -14.77 15.29 -20.04
N LEU A 149 -14.50 15.21 -18.75
CA LEU A 149 -15.55 15.33 -17.74
C LEU A 149 -15.74 16.77 -17.29
N VAL A 150 -14.67 17.56 -17.24
CA VAL A 150 -14.80 18.95 -16.86
C VAL A 150 -14.52 19.77 -18.11
N GLY A 151 -15.59 20.13 -18.83
CA GLY A 151 -15.42 20.77 -20.12
C GLY A 151 -14.57 22.03 -20.03
N SER A 152 -14.81 22.85 -19.00
CA SER A 152 -14.12 24.13 -18.93
C SER A 152 -12.63 23.92 -18.74
N ILE A 153 -12.23 22.85 -18.04
CA ILE A 153 -10.80 22.56 -17.89
C ILE A 153 -10.21 22.07 -19.22
N ALA A 154 -10.92 21.19 -19.93
CA ALA A 154 -10.45 20.76 -21.24
C ALA A 154 -10.27 21.95 -22.18
N THR A 155 -11.26 22.83 -22.23
CA THR A 155 -11.16 23.97 -23.13
C THR A 155 -9.95 24.81 -22.76
N GLN A 156 -9.79 25.11 -21.47
CA GLN A 156 -8.62 25.84 -21.01
C GLN A 156 -7.32 25.10 -21.34
N TYR A 157 -7.32 23.78 -21.21
CA TYR A 157 -6.11 23.03 -21.52
C TYR A 157 -5.70 23.23 -22.97
N MET A 158 -6.68 23.32 -23.87
CA MET A 158 -6.36 23.40 -25.28
C MET A 158 -6.10 24.83 -25.76
N THR A 159 -6.72 25.83 -25.14
CA THR A 159 -6.59 27.19 -25.63
C THR A 159 -5.69 28.07 -24.79
N ASN A 160 -5.60 27.80 -23.49
CA ASN A 160 -4.79 28.60 -22.56
C ASN A 160 -3.99 27.64 -21.70
N ARG A 161 -3.11 26.88 -22.38
CA ARG A 161 -2.34 25.83 -21.73
C ARG A 161 -1.65 26.34 -20.47
N ALA A 162 -0.98 27.50 -20.58
CA ALA A 162 -0.19 28.02 -19.45
C ALA A 162 -1.08 28.34 -18.25
N GLU A 163 -2.23 28.99 -18.49
CA GLU A 163 -3.18 29.20 -17.39
C GLU A 163 -3.63 27.88 -16.78
N HIS A 164 -3.90 26.87 -17.62
CA HIS A 164 -4.32 25.59 -17.08
C HIS A 164 -3.25 25.03 -16.14
N ASP A 165 -2.00 25.06 -16.59
CA ASP A 165 -0.91 24.49 -15.81
C ASP A 165 -0.64 25.29 -14.54
N ARG A 166 -0.74 26.62 -14.60
CA ARG A 166 -0.61 27.42 -13.38
C ARG A 166 -1.63 26.98 -12.34
N MET A 167 -2.91 26.88 -12.73
CA MET A 167 -3.92 26.54 -11.73
C MET A 167 -3.78 25.08 -11.27
N ALA A 168 -3.39 24.18 -12.17
CA ALA A 168 -3.25 22.79 -11.73
C ALA A 168 -2.14 22.64 -10.71
N ARG A 169 -1.03 23.36 -10.90
CA ARG A 169 0.04 23.38 -9.89
C ARG A 169 -0.44 23.98 -8.59
N GLN A 170 -1.27 25.04 -8.65
CA GLN A 170 -1.78 25.60 -7.40
C GLN A 170 -2.72 24.63 -6.69
N TRP A 171 -3.55 23.90 -7.45
CA TRP A 171 -4.43 22.89 -6.84
C TRP A 171 -3.63 21.76 -6.21
N THR A 172 -2.65 21.22 -6.95
CA THR A 172 -1.76 20.20 -6.42
C THR A 172 -1.14 20.61 -5.09
N LYS A 173 -0.62 21.85 -5.03
CA LYS A 173 0.02 22.31 -3.81
C LYS A 173 -0.99 22.44 -2.67
N ARG A 174 -2.11 23.13 -2.90
CA ARG A 174 -3.05 23.41 -1.83
C ARG A 174 -3.84 22.16 -1.41
N TYR A 175 -4.25 21.32 -2.36
CA TYR A 175 -5.21 20.26 -2.04
C TYR A 175 -4.60 18.88 -1.90
N ALA A 176 -3.37 18.67 -2.36
CA ALA A 176 -2.77 17.35 -2.46
C ALA A 176 -1.42 17.25 -1.76
N THR A 177 -1.07 18.24 -0.93
CA THR A 177 0.16 18.13 -0.14
C THR A 177 -0.15 18.38 1.33
N ARG B 21 -23.91 -6.63 -25.91
CA ARG B 21 -24.40 -8.00 -25.74
C ARG B 21 -23.34 -9.04 -26.07
N GLY B 22 -23.62 -10.28 -25.68
CA GLY B 22 -22.69 -11.36 -25.85
C GLY B 22 -23.18 -12.45 -26.78
N LEU B 23 -22.67 -13.67 -26.59
CA LEU B 23 -22.87 -14.75 -27.54
C LEU B 23 -23.95 -15.70 -27.06
N THR B 24 -24.69 -16.28 -28.02
CA THR B 24 -25.63 -17.35 -27.74
C THR B 24 -24.90 -18.55 -27.15
N LYS B 25 -25.65 -19.39 -26.43
CA LYS B 25 -25.05 -20.61 -25.91
C LYS B 25 -24.57 -21.52 -27.03
N GLU B 26 -25.22 -21.47 -28.19
CA GLU B 26 -24.80 -22.29 -29.31
C GLU B 26 -23.48 -21.80 -29.89
N GLN B 27 -23.34 -20.48 -30.09
CA GLN B 27 -22.07 -19.96 -30.58
C GLN B 27 -20.94 -20.31 -29.62
N ILE B 28 -21.21 -20.24 -28.32
CA ILE B 28 -20.18 -20.49 -27.32
C ILE B 28 -19.74 -21.95 -27.35
N ASP B 29 -20.71 -22.87 -27.41
CA ASP B 29 -20.37 -24.29 -27.49
C ASP B 29 -19.67 -24.66 -28.79
N ASN B 30 -19.87 -23.87 -29.85
CA ASN B 30 -19.17 -24.10 -31.11
C ASN B 30 -17.69 -23.71 -31.05
N LEU B 31 -17.25 -23.00 -30.01
CA LEU B 31 -15.83 -22.69 -29.90
C LEU B 31 -15.04 -23.93 -29.49
N ALA B 32 -13.74 -23.91 -29.79
CA ALA B 32 -12.85 -25.05 -29.56
C ALA B 32 -12.68 -25.33 -28.07
N MET B 33 -12.38 -26.59 -27.75
CA MET B 33 -12.29 -27.03 -26.36
C MET B 33 -11.38 -28.26 -26.28
N ARG B 34 -10.37 -28.21 -25.42
CA ARG B 34 -9.50 -29.36 -25.23
C ARG B 34 -9.18 -29.54 -23.76
N SER B 35 -8.78 -30.76 -23.40
CA SER B 35 -8.32 -31.03 -22.05
C SER B 35 -6.92 -30.46 -21.82
N PHE B 36 -6.61 -30.17 -20.56
CA PHE B 36 -5.25 -29.84 -20.16
C PHE B 36 -4.30 -30.93 -20.61
N GLY B 37 -3.18 -30.51 -21.21
CA GLY B 37 -2.04 -31.36 -21.52
C GLY B 37 -0.79 -30.78 -20.89
N GLU B 38 0.25 -31.59 -20.71
CA GLU B 38 1.34 -31.22 -19.81
C GLU B 38 2.01 -29.92 -20.22
N ASN B 39 1.96 -29.58 -21.51
CA ASN B 39 2.56 -28.32 -21.94
C ASN B 39 1.82 -27.10 -21.39
N ASP B 40 0.55 -27.24 -21.02
CA ASP B 40 -0.22 -26.14 -20.45
C ASP B 40 0.17 -25.83 -19.01
N ALA B 41 0.90 -26.72 -18.34
CA ALA B 41 1.33 -26.48 -16.96
C ALA B 41 2.07 -25.18 -16.81
N LEU B 42 2.68 -24.68 -17.87
CA LEU B 42 3.49 -23.49 -17.78
C LEU B 42 2.72 -22.23 -18.14
N LYS B 43 1.42 -22.32 -18.40
CA LYS B 43 0.66 -21.19 -18.90
C LYS B 43 -0.34 -20.73 -17.85
N THR B 44 -0.77 -19.49 -18.00
CA THR B 44 -1.65 -18.85 -17.04
C THR B 44 -2.90 -18.35 -17.76
N CYS B 45 -4.08 -18.73 -17.23
CA CYS B 45 -5.35 -18.15 -17.66
C CYS B 45 -5.41 -16.68 -17.20
N SER B 46 -5.48 -15.76 -18.16
CA SER B 46 -5.44 -14.33 -17.81
C SER B 46 -6.66 -13.87 -17.00
N VAL B 47 -7.78 -14.60 -17.07
CA VAL B 47 -8.98 -14.12 -16.39
C VAL B 47 -8.94 -14.46 -14.89
N CYS B 48 -8.45 -15.65 -14.53
CA CYS B 48 -8.37 -15.99 -13.12
C CYS B 48 -6.94 -15.97 -12.58
N ILE B 49 -5.95 -15.57 -13.39
CA ILE B 49 -4.55 -15.47 -12.98
C ILE B 49 -4.13 -16.77 -12.31
N THR B 50 -4.42 -17.89 -12.95
CA THR B 50 -4.10 -19.20 -12.37
C THR B 50 -3.47 -20.08 -13.44
N GLU B 51 -2.44 -20.83 -13.06
CA GLU B 51 -1.84 -21.75 -13.99
C GLU B 51 -2.75 -22.95 -14.20
N TYR B 52 -2.84 -23.41 -15.44
CA TYR B 52 -3.67 -24.57 -15.75
C TYR B 52 -3.19 -25.80 -15.00
N THR B 53 -4.14 -26.55 -14.48
CA THR B 53 -3.93 -27.76 -13.68
C THR B 53 -4.60 -28.92 -14.41
N GLU B 54 -4.17 -30.16 -14.15
CA GLU B 54 -4.76 -31.25 -14.88
C GLU B 54 -6.23 -31.42 -14.47
N GLY B 55 -7.04 -31.85 -15.43
CA GLY B 55 -8.47 -31.89 -15.33
C GLY B 55 -9.16 -30.67 -15.93
N ASN B 56 -8.47 -29.52 -15.94
CA ASN B 56 -9.01 -28.30 -16.53
C ASN B 56 -9.40 -28.54 -17.98
N LYS B 57 -10.34 -27.74 -18.45
CA LYS B 57 -10.64 -27.65 -19.87
C LYS B 57 -10.35 -26.23 -20.31
N LEU B 58 -9.75 -26.10 -21.49
CA LEU B 58 -9.29 -24.82 -22.04
C LEU B 58 -9.98 -24.53 -23.37
N ARG B 59 -10.38 -23.28 -23.54
CA ARG B 59 -10.99 -22.82 -24.78
C ARG B 59 -10.00 -21.92 -25.50
N LYS B 60 -9.82 -22.16 -26.79
CA LYS B 60 -8.89 -21.39 -27.62
C LYS B 60 -9.67 -20.65 -28.71
N LEU B 61 -9.57 -19.32 -28.68
CA LEU B 61 -10.35 -18.44 -29.56
C LEU B 61 -9.72 -18.35 -30.94
N PRO B 62 -10.45 -17.82 -31.93
CA PRO B 62 -9.86 -17.66 -33.28
C PRO B 62 -8.56 -16.88 -33.30
N CYS B 63 -8.44 -15.87 -32.45
CA CYS B 63 -7.21 -15.10 -32.31
C CYS B 63 -6.11 -15.88 -31.58
N SER B 64 -6.38 -17.13 -31.20
CA SER B 64 -5.47 -18.09 -30.53
C SER B 64 -5.22 -17.84 -29.04
N HIS B 65 -5.89 -16.89 -28.38
CA HIS B 65 -5.74 -16.75 -26.94
C HIS B 65 -6.60 -17.80 -26.24
N GLU B 66 -6.08 -18.34 -25.13
CA GLU B 66 -6.67 -19.49 -24.45
C GLU B 66 -7.12 -19.11 -23.04
N TYR B 67 -8.16 -19.78 -22.56
CA TYR B 67 -8.68 -19.54 -21.21
C TYR B 67 -9.27 -20.83 -20.67
N HIS B 68 -9.45 -20.89 -19.33
CA HIS B 68 -10.35 -21.87 -18.75
C HIS B 68 -11.72 -21.74 -19.40
N VAL B 69 -12.39 -22.87 -19.62
CA VAL B 69 -13.70 -22.80 -20.26
C VAL B 69 -14.63 -21.93 -19.43
N HIS B 70 -14.74 -22.19 -18.14
CA HIS B 70 -15.70 -21.48 -17.31
C HIS B 70 -15.35 -19.99 -17.25
N CYS B 71 -14.07 -19.68 -17.43
CA CYS B 71 -13.59 -18.30 -17.32
C CYS B 71 -14.03 -17.48 -18.51
N ILE B 72 -13.79 -17.96 -19.73
CA ILE B 72 -14.16 -17.14 -20.87
C ILE B 72 -15.64 -17.29 -21.23
N ASP B 73 -16.25 -18.44 -20.96
CA ASP B 73 -17.70 -18.57 -21.17
C ASP B 73 -18.44 -17.50 -20.39
N ARG B 74 -18.06 -17.32 -19.11
CA ARG B 74 -18.69 -16.29 -18.30
C ARG B 74 -18.56 -14.91 -18.95
N TRP B 75 -17.42 -14.62 -19.57
CA TRP B 75 -17.24 -13.31 -20.19
C TRP B 75 -18.02 -13.19 -21.48
N LEU B 76 -18.06 -14.26 -22.28
CA LEU B 76 -18.73 -14.27 -23.56
C LEU B 76 -20.25 -14.39 -23.44
N SER B 77 -20.76 -14.60 -22.23
CA SER B 77 -22.19 -14.55 -22.02
C SER B 77 -22.73 -13.12 -22.16
N GLU B 78 -21.95 -12.11 -21.76
CA GLU B 78 -22.38 -10.73 -21.93
C GLU B 78 -21.43 -9.90 -22.78
N ASN B 79 -20.41 -10.50 -23.40
CA ASN B 79 -19.50 -9.74 -24.24
C ASN B 79 -19.15 -10.57 -25.46
N SER B 80 -18.47 -9.93 -26.41
CA SER B 80 -18.27 -10.50 -27.74
C SER B 80 -16.82 -10.49 -28.22
N THR B 81 -15.87 -10.03 -27.41
CA THR B 81 -14.50 -9.85 -27.87
C THR B 81 -13.51 -10.54 -26.94
N CYS B 82 -12.31 -10.71 -27.46
CA CYS B 82 -11.28 -11.39 -26.71
C CYS B 82 -10.78 -10.50 -25.56
N PRO B 83 -10.80 -11.00 -24.31
CA PRO B 83 -10.24 -10.23 -23.19
C PRO B 83 -8.88 -9.62 -23.44
N ILE B 84 -8.01 -10.29 -24.19
CA ILE B 84 -6.62 -9.86 -24.33
C ILE B 84 -6.44 -8.94 -25.54
N CYS B 85 -6.91 -9.33 -26.72
CA CYS B 85 -6.65 -8.56 -27.93
C CYS B 85 -7.85 -7.77 -28.45
N ARG B 86 -9.03 -7.95 -27.86
CA ARG B 86 -10.26 -7.24 -28.19
C ARG B 86 -10.78 -7.53 -29.61
N ARG B 87 -10.22 -8.51 -30.31
CA ARG B 87 -10.77 -8.86 -31.61
C ARG B 87 -12.13 -9.54 -31.42
N ALA B 88 -13.02 -9.31 -32.39
CA ALA B 88 -14.31 -10.00 -32.35
C ALA B 88 -14.11 -11.51 -32.46
N VAL B 89 -14.84 -12.25 -31.62
CA VAL B 89 -14.71 -13.70 -31.57
C VAL B 89 -15.33 -14.36 -32.81
N LEU B 90 -16.40 -13.79 -33.35
CA LEU B 90 -17.09 -14.42 -34.48
C LEU B 90 -16.43 -14.10 -35.82
N LYS C 24 -0.43 26.04 23.09
CA LYS C 24 -1.21 25.45 22.02
C LYS C 24 -0.73 24.04 21.67
N THR C 25 -1.65 23.07 21.70
CA THR C 25 -1.35 21.72 21.25
C THR C 25 -1.32 21.63 19.73
N ALA C 26 -1.77 22.67 19.03
CA ALA C 26 -1.86 22.63 17.58
C ALA C 26 -0.49 22.49 16.95
N ALA C 27 0.54 23.01 17.61
CA ALA C 27 1.91 22.78 17.17
C ALA C 27 2.18 21.30 17.03
N LYS C 28 1.77 20.51 18.03
CA LYS C 28 2.13 19.11 17.97
C LYS C 28 1.25 18.35 16.97
N LEU C 29 0.02 18.82 16.70
CA LEU C 29 -0.71 18.24 15.57
C LEU C 29 0.01 18.51 14.26
N SER C 30 0.56 19.71 14.10
CA SER C 30 1.22 20.08 12.86
C SER C 30 2.53 19.31 12.68
N THR C 31 3.24 19.04 13.78
CA THR C 31 4.47 18.24 13.67
C THR C 31 4.17 16.81 13.22
N SER C 32 3.23 16.15 13.91
CA SER C 32 2.95 14.75 13.60
C SER C 32 2.37 14.61 12.20
N ALA C 33 1.47 15.50 11.80
CA ALA C 33 0.93 15.50 10.44
C ALA C 33 2.04 15.64 9.39
N LYS C 34 2.89 16.66 9.53
CA LYS C 34 3.99 16.83 8.58
C LYS C 34 4.84 15.58 8.51
N ARG C 35 5.11 14.96 9.65
CA ARG C 35 6.04 13.85 9.62
C ARG C 35 5.38 12.58 9.10
N ILE C 36 4.11 12.34 9.48
CA ILE C 36 3.37 11.24 8.88
C ILE C 36 3.22 11.44 7.38
N GLN C 37 2.98 12.68 6.94
CA GLN C 37 2.83 12.96 5.51
C GLN C 37 4.11 12.64 4.75
N LYS C 38 5.26 13.02 5.30
CA LYS C 38 6.52 12.74 4.60
C LYS C 38 6.76 11.24 4.50
N GLU C 39 6.44 10.50 5.56
CA GLU C 39 6.59 9.05 5.51
C GLU C 39 5.64 8.43 4.48
N LEU C 40 4.44 8.96 4.37
CA LEU C 40 3.50 8.43 3.39
C LEU C 40 4.06 8.55 1.97
N ALA C 41 4.53 9.74 1.62
CA ALA C 41 5.10 9.94 0.30
C ALA C 41 6.29 9.01 0.08
N GLU C 42 7.15 8.89 1.09
CA GLU C 42 8.34 8.07 0.97
C GLU C 42 8.00 6.58 0.88
N ILE C 43 7.14 6.08 1.77
CA ILE C 43 6.84 4.65 1.72
C ILE C 43 6.01 4.28 0.48
N THR C 44 5.36 5.24 -0.18
CA THR C 44 4.68 4.96 -1.44
C THR C 44 5.67 4.95 -2.59
N LEU C 45 6.63 5.86 -2.59
CA LEU C 45 7.69 5.80 -3.58
C LEU C 45 8.56 4.57 -3.41
N ASP C 46 8.84 4.20 -2.15
CA ASP C 46 9.90 3.24 -1.81
C ASP C 46 9.41 2.33 -0.68
N PRO C 47 8.50 1.40 -0.98
CA PRO C 47 7.94 0.58 0.08
C PRO C 47 8.96 -0.47 0.53
N PRO C 48 8.90 -0.89 1.79
CA PRO C 48 9.85 -1.90 2.26
C PRO C 48 9.55 -3.23 1.59
N PRO C 49 10.53 -4.09 1.48
CA PRO C 49 10.33 -5.34 0.72
C PRO C 49 9.19 -6.15 1.33
N ASN C 50 8.30 -6.64 0.47
CA ASN C 50 7.19 -7.50 0.87
C ASN C 50 6.16 -6.80 1.77
N CYS C 51 6.21 -5.46 1.88
CA CYS C 51 5.25 -4.71 2.69
C CYS C 51 4.67 -3.55 1.90
N SER C 52 3.48 -3.13 2.31
CA SER C 52 2.87 -1.89 1.86
C SER C 52 2.16 -1.26 3.05
N ALA C 53 1.86 0.04 2.95
CA ALA C 53 1.20 0.70 4.06
C ALA C 53 0.70 2.08 3.63
N GLY C 54 -0.46 2.48 4.16
CA GLY C 54 -0.98 3.81 3.90
C GLY C 54 -2.30 4.09 4.62
N PRO C 55 -2.77 5.34 4.57
CA PRO C 55 -4.02 5.68 5.27
C PRO C 55 -5.18 4.80 4.84
N LYS C 56 -6.14 4.62 5.75
CA LYS C 56 -7.37 3.93 5.41
C LYS C 56 -8.39 4.86 4.81
N GLY C 57 -8.38 6.12 5.24
CA GLY C 57 -9.42 7.06 4.89
C GLY C 57 -8.88 8.47 5.07
N ASP C 58 -9.80 9.41 5.25
CA ASP C 58 -9.40 10.82 5.36
C ASP C 58 -8.47 11.08 6.54
N ASN C 59 -8.42 10.18 7.51
CA ASN C 59 -7.67 10.41 8.74
C ASN C 59 -6.25 9.92 8.52
N ILE C 60 -5.29 10.85 8.50
CA ILE C 60 -3.92 10.47 8.20
C ILE C 60 -3.22 9.81 9.39
N TYR C 61 -3.88 9.74 10.55
CA TYR C 61 -3.26 9.10 11.71
C TYR C 61 -3.57 7.62 11.81
N GLU C 62 -4.47 7.11 10.97
CA GLU C 62 -4.89 5.71 11.04
C GLU C 62 -4.54 5.03 9.72
N TRP C 63 -3.52 4.18 9.74
CA TRP C 63 -3.07 3.50 8.54
C TRP C 63 -3.45 2.03 8.58
N ARG C 64 -3.31 1.41 7.41
CA ARG C 64 -3.41 -0.03 7.23
C ARG C 64 -2.13 -0.48 6.54
N SER C 65 -1.83 -1.77 6.65
CA SER C 65 -0.58 -2.29 6.13
C SER C 65 -0.75 -3.76 5.75
N THR C 66 0.00 -4.18 4.74
CA THR C 66 0.04 -5.57 4.33
C THR C 66 1.46 -6.09 4.52
N ILE C 67 1.60 -7.23 5.16
CA ILE C 67 2.90 -7.90 5.20
C ILE C 67 2.73 -9.27 4.56
N LEU C 68 3.58 -9.59 3.60
CA LEU C 68 3.67 -10.95 3.08
C LEU C 68 4.53 -11.76 4.00
N GLY C 69 4.08 -12.96 4.33
CA GLY C 69 4.85 -13.86 5.15
C GLY C 69 6.25 -14.02 4.60
N PRO C 70 7.25 -13.85 5.44
CA PRO C 70 8.66 -13.89 4.98
C PRO C 70 8.96 -15.20 4.28
N PRO C 71 9.70 -15.17 3.18
CA PRO C 71 10.10 -16.40 2.50
C PRO C 71 10.89 -17.32 3.42
N GLY C 72 10.56 -18.60 3.39
CA GLY C 72 11.23 -19.56 4.23
C GLY C 72 10.64 -19.71 5.61
N SER C 73 9.84 -18.75 6.08
CA SER C 73 9.22 -18.87 7.39
C SER C 73 7.99 -19.77 7.31
N VAL C 74 7.49 -20.15 8.48
CA VAL C 74 6.24 -20.88 8.56
C VAL C 74 5.06 -20.03 8.08
N TYR C 75 5.27 -18.73 7.89
CA TYR C 75 4.24 -17.82 7.42
C TYR C 75 4.30 -17.60 5.91
N GLU C 76 5.19 -18.29 5.22
CA GLU C 76 5.30 -18.11 3.77
C GLU C 76 3.96 -18.34 3.09
N GLY C 77 3.63 -17.47 2.14
CA GLY C 77 2.38 -17.54 1.44
C GLY C 77 1.25 -16.77 2.09
N GLY C 78 1.42 -16.39 3.35
CA GLY C 78 0.38 -15.64 4.03
C GLY C 78 0.39 -14.17 3.68
N VAL C 79 -0.80 -13.61 3.67
CA VAL C 79 -1.02 -12.18 3.50
C VAL C 79 -1.59 -11.67 4.81
N PHE C 80 -0.85 -10.81 5.50
CA PHE C 80 -1.23 -10.37 6.84
C PHE C 80 -1.61 -8.89 6.85
N PHE C 81 -2.74 -8.57 7.49
N PHE C 81 -2.72 -8.56 7.50
CA PHE C 81 -3.24 -7.21 7.65
CA PHE C 81 -3.17 -7.18 7.63
C PHE C 81 -2.81 -6.67 9.03
C PHE C 81 -2.84 -6.66 9.01
N LEU C 82 -2.24 -5.47 9.05
CA LEU C 82 -1.87 -4.79 10.28
C LEU C 82 -2.56 -3.43 10.34
N ASP C 83 -2.93 -3.03 11.56
CA ASP C 83 -3.41 -1.68 11.82
C ASP C 83 -2.29 -0.85 12.45
N ILE C 84 -2.11 0.37 11.94
CA ILE C 84 -1.13 1.31 12.45
C ILE C 84 -1.86 2.59 12.82
N THR C 85 -1.83 2.94 14.09
CA THR C 85 -2.46 4.16 14.60
C THR C 85 -1.39 5.07 15.14
N PHE C 86 -1.31 6.28 14.61
CA PHE C 86 -0.40 7.30 15.07
C PHE C 86 -1.13 8.19 16.07
N SER C 87 -0.37 8.87 16.90
CA SER C 87 -0.91 9.82 17.85
C SER C 87 -0.35 11.20 17.57
N PRO C 88 -1.02 12.25 18.02
CA PRO C 88 -0.49 13.60 17.86
C PRO C 88 0.94 13.80 18.39
N ASP C 89 1.40 12.90 19.27
CA ASP C 89 2.75 12.95 19.81
C ASP C 89 3.82 12.36 18.88
N TYR C 90 3.42 11.64 17.84
CA TYR C 90 4.37 11.03 16.93
C TYR C 90 5.22 12.10 16.26
N PRO C 91 6.53 11.88 16.07
CA PRO C 91 7.24 10.61 16.28
C PRO C 91 7.87 10.47 17.67
N PHE C 92 7.42 11.24 18.65
CA PHE C 92 8.04 11.18 19.97
C PHE C 92 7.43 10.11 20.85
N LYS C 93 6.34 9.51 20.43
CA LYS C 93 5.77 8.33 21.06
C LYS C 93 5.56 7.30 19.97
N PRO C 94 5.70 6.01 20.29
CA PRO C 94 5.59 5.00 19.25
C PRO C 94 4.19 4.94 18.68
N PRO C 95 4.03 4.58 17.42
CA PRO C 95 2.69 4.30 16.90
C PRO C 95 2.20 2.97 17.45
N LYS C 96 0.90 2.79 17.42
CA LYS C 96 0.28 1.53 17.80
C LYS C 96 0.16 0.63 16.56
N VAL C 97 0.74 -0.55 16.62
CA VAL C 97 0.73 -1.51 15.52
C VAL C 97 0.19 -2.84 16.03
N THR C 98 -0.88 -3.34 15.42
CA THR C 98 -1.44 -4.63 15.81
C THR C 98 -1.80 -5.45 14.57
N PHE C 99 -1.63 -6.76 14.68
CA PHE C 99 -2.08 -7.66 13.62
C PHE C 99 -3.60 -7.74 13.64
N ARG C 100 -4.21 -7.51 12.48
CA ARG C 100 -5.62 -7.77 12.32
C ARG C 100 -5.86 -9.21 11.93
N THR C 101 -4.94 -9.80 11.16
CA THR C 101 -5.00 -11.20 10.81
C THR C 101 -4.51 -12.07 11.96
N ARG C 102 -5.22 -13.14 12.25
CA ARG C 102 -4.79 -14.07 13.29
C ARG C 102 -3.55 -14.84 12.83
N ILE C 103 -2.64 -15.04 13.79
CA ILE C 103 -1.33 -15.61 13.50
C ILE C 103 -0.87 -16.42 14.72
N TYR C 104 -0.21 -17.53 14.44
CA TYR C 104 0.27 -18.45 15.47
C TYR C 104 1.73 -18.07 15.70
N HIS C 105 1.97 -17.23 16.70
CA HIS C 105 3.29 -16.66 16.95
C HIS C 105 3.36 -16.26 18.40
N CYS C 106 4.47 -16.57 19.08
CA CYS C 106 4.45 -16.39 20.53
C CYS C 106 4.71 -14.94 20.97
N ASN C 107 5.02 -14.02 20.07
CA ASN C 107 5.10 -12.60 20.41
C ASN C 107 3.93 -11.79 19.86
N ILE C 108 2.87 -12.46 19.41
CA ILE C 108 1.65 -11.82 18.93
C ILE C 108 0.46 -12.56 19.55
N ASN C 109 -0.31 -11.87 20.39
CA ASN C 109 -1.38 -12.58 21.08
C ASN C 109 -2.66 -12.52 20.25
N SER C 110 -3.74 -13.07 20.84
CA SER C 110 -5.01 -13.21 20.15
C SER C 110 -5.63 -11.87 19.75
N GLN C 111 -5.29 -10.78 20.42
CA GLN C 111 -5.83 -9.47 20.07
C GLN C 111 -4.85 -8.65 19.23
N GLY C 112 -3.88 -9.30 18.58
CA GLY C 112 -2.96 -8.65 17.67
C GLY C 112 -1.81 -7.90 18.30
N VAL C 113 -1.68 -7.90 19.63
CA VAL C 113 -0.58 -7.15 20.25
C VAL C 113 0.75 -7.82 19.93
N ILE C 114 1.73 -7.01 19.58
CA ILE C 114 3.06 -7.46 19.18
C ILE C 114 4.04 -7.13 20.29
N CYS C 115 4.79 -8.14 20.74
CA CYS C 115 5.88 -7.92 21.69
C CYS C 115 7.14 -7.58 20.88
N LEU C 116 7.38 -6.29 20.66
CA LEU C 116 8.53 -5.81 19.91
C LEU C 116 9.09 -4.59 20.63
N ASP C 117 10.33 -4.69 21.10
CA ASP C 117 10.82 -3.68 22.04
C ASP C 117 10.81 -2.26 21.44
N ILE C 118 10.99 -2.10 20.13
CA ILE C 118 10.98 -0.74 19.58
C ILE C 118 9.61 -0.09 19.60
N LEU C 119 8.53 -0.87 19.76
CA LEU C 119 7.20 -0.31 19.88
C LEU C 119 6.86 0.09 21.31
N LYS C 120 7.77 -0.15 22.27
CA LYS C 120 7.51 0.32 23.63
C LYS C 120 8.74 1.00 24.24
N ASP C 121 9.55 0.23 24.93
CA ASP C 121 10.63 0.80 25.73
C ASP C 121 11.77 1.33 24.85
N ASN C 122 11.93 0.80 23.65
CA ASN C 122 13.06 1.13 22.78
C ASN C 122 12.65 2.05 21.63
N TRP C 123 11.52 2.73 21.73
CA TRP C 123 11.12 3.63 20.66
C TRP C 123 12.11 4.79 20.55
N SER C 124 12.43 5.18 19.32
CA SER C 124 13.21 6.38 19.07
C SER C 124 12.50 7.24 18.03
N PRO C 125 12.54 8.56 18.17
CA PRO C 125 11.91 9.42 17.14
C PRO C 125 12.61 9.34 15.79
N ALA C 126 13.78 8.70 15.71
CA ALA C 126 14.44 8.52 14.43
C ALA C 126 13.97 7.26 13.71
N LEU C 127 13.21 6.40 14.36
CA LEU C 127 12.64 5.26 13.66
C LEU C 127 11.49 5.70 12.75
N THR C 128 11.21 4.88 11.75
CA THR C 128 10.11 5.15 10.83
C THR C 128 9.23 3.90 10.72
N ILE C 129 8.07 4.06 10.09
CA ILE C 129 7.19 2.91 9.89
C ILE C 129 7.90 1.84 9.08
N SER C 130 8.64 2.23 8.04
CA SER C 130 9.25 1.20 7.19
C SER C 130 10.25 0.38 8.01
N LYS C 131 10.94 1.00 8.96
CA LYS C 131 11.82 0.21 9.83
C LYS C 131 11.01 -0.69 10.77
N VAL C 132 9.88 -0.20 11.29
CA VAL C 132 9.06 -1.06 12.15
C VAL C 132 8.58 -2.27 11.37
N LEU C 133 8.07 -2.05 10.15
CA LEU C 133 7.62 -3.15 9.32
C LEU C 133 8.73 -4.17 9.08
N LEU C 134 9.95 -3.71 8.80
CA LEU C 134 11.05 -4.66 8.58
C LEU C 134 11.41 -5.38 9.89
N SER C 135 11.26 -4.73 11.04
CA SER C 135 11.52 -5.42 12.30
C SER C 135 10.46 -6.48 12.55
N ILE C 136 9.22 -6.22 12.16
CA ILE C 136 8.17 -7.22 12.29
C ILE C 136 8.46 -8.42 11.39
N CYS C 137 8.86 -8.16 10.13
CA CYS C 137 9.29 -9.25 9.25
C CYS C 137 10.37 -10.10 9.90
N SER C 138 11.35 -9.44 10.51
CA SER C 138 12.41 -10.17 11.18
C SER C 138 11.85 -10.98 12.36
N LEU C 139 10.91 -10.40 13.10
CA LEU C 139 10.28 -11.11 14.21
C LEU C 139 9.49 -12.32 13.73
N LEU C 140 8.82 -12.20 12.58
CA LEU C 140 8.13 -13.35 12.00
C LEU C 140 9.10 -14.46 11.62
N THR C 141 10.30 -14.12 11.18
CA THR C 141 11.25 -15.16 10.81
C THR C 141 11.90 -15.80 12.03
N ASP C 142 12.20 -15.01 13.06
CA ASP C 142 12.85 -15.49 14.29
C ASP C 142 12.07 -14.97 15.50
N CYS C 143 11.04 -15.70 15.91
CA CYS C 143 10.32 -15.38 17.13
C CYS C 143 11.26 -15.34 18.34
N ASN C 144 10.81 -14.68 19.40
CA ASN C 144 11.56 -14.56 20.65
C ASN C 144 10.85 -15.34 21.75
N PRO C 145 11.17 -16.63 21.95
CA PRO C 145 10.49 -17.40 23.00
C PRO C 145 10.82 -16.93 24.40
N ALA C 146 11.89 -16.14 24.57
CA ALA C 146 12.32 -15.75 25.91
C ALA C 146 11.41 -14.68 26.51
N ASP C 147 10.77 -13.85 25.68
CA ASP C 147 9.83 -12.83 26.14
C ASP C 147 8.53 -12.98 25.36
N PRO C 148 7.71 -13.97 25.70
CA PRO C 148 6.56 -14.30 24.86
C PRO C 148 5.25 -13.68 25.32
N LEU C 149 4.34 -13.44 24.38
CA LEU C 149 2.99 -12.99 24.71
C LEU C 149 2.02 -14.15 24.90
N VAL C 150 2.28 -15.29 24.27
CA VAL C 150 1.52 -16.52 24.51
C VAL C 150 2.51 -17.58 24.99
N GLY C 151 2.50 -17.86 26.29
CA GLY C 151 3.50 -18.76 26.86
C GLY C 151 3.41 -20.18 26.33
N SER C 152 2.18 -20.65 26.04
CA SER C 152 2.01 -21.99 25.51
C SER C 152 2.68 -22.14 24.14
N ILE C 153 2.50 -21.16 23.26
CA ILE C 153 3.20 -21.23 21.98
C ILE C 153 4.71 -21.22 22.21
N ALA C 154 5.18 -20.38 23.13
CA ALA C 154 6.62 -20.24 23.37
C ALA C 154 7.24 -21.54 23.84
N THR C 155 6.65 -22.17 24.86
CA THR C 155 7.23 -23.43 25.34
C THR C 155 7.06 -24.54 24.31
N GLN C 156 5.97 -24.52 23.53
CA GLN C 156 5.85 -25.47 22.42
C GLN C 156 6.92 -25.22 21.36
N TYR C 157 7.23 -23.95 21.09
CA TYR C 157 8.29 -23.63 20.13
C TYR C 157 9.61 -24.28 20.51
N MET C 158 9.88 -24.42 21.81
CA MET C 158 11.18 -24.85 22.29
C MET C 158 11.29 -26.34 22.57
N THR C 159 10.18 -27.03 22.76
CA THR C 159 10.21 -28.45 23.11
C THR C 159 9.55 -29.34 22.09
N ASN C 160 8.72 -28.81 21.21
CA ASN C 160 8.14 -29.57 20.10
C ASN C 160 8.04 -28.66 18.89
N ARG C 161 9.17 -28.04 18.55
CA ARG C 161 9.35 -27.15 17.42
C ARG C 161 8.71 -27.67 16.14
N ALA C 162 8.67 -29.00 15.99
CA ALA C 162 8.05 -29.59 14.81
C ALA C 162 6.55 -29.37 14.82
N GLU C 163 5.90 -29.62 15.96
CA GLU C 163 4.46 -29.40 16.07
C GLU C 163 4.11 -27.92 16.06
N HIS C 164 4.99 -27.07 16.60
CA HIS C 164 4.78 -25.63 16.49
C HIS C 164 4.73 -25.19 15.04
N ASP C 165 5.61 -25.71 14.20
CA ASP C 165 5.67 -25.27 12.81
C ASP C 165 4.44 -25.72 12.03
N ARG C 166 4.03 -26.98 12.22
CA ARG C 166 2.82 -27.48 11.58
C ARG C 166 1.63 -26.59 11.94
N MET C 167 1.50 -26.23 13.22
CA MET C 167 0.42 -25.35 13.64
C MET C 167 0.51 -24.00 12.93
N ALA C 168 1.70 -23.40 12.93
CA ALA C 168 1.85 -22.09 12.32
C ALA C 168 1.55 -22.13 10.82
N ARG C 169 2.00 -23.17 10.12
N ARG C 169 1.99 -23.18 10.13
CA ARG C 169 1.70 -23.27 8.70
CA ARG C 169 1.71 -23.27 8.70
C ARG C 169 0.21 -23.41 8.48
C ARG C 169 0.23 -23.47 8.44
N GLN C 170 -0.47 -24.16 9.34
CA GLN C 170 -1.90 -24.40 9.20
C GLN C 170 -2.69 -23.14 9.53
N TRP C 171 -2.31 -22.41 10.58
CA TRP C 171 -2.93 -21.11 10.83
C TRP C 171 -2.70 -20.15 9.66
N THR C 172 -1.49 -20.19 9.07
CA THR C 172 -1.22 -19.35 7.91
C THR C 172 -2.18 -19.66 6.76
N LYS C 173 -2.39 -20.95 6.49
CA LYS C 173 -3.30 -21.32 5.42
C LYS C 173 -4.75 -20.97 5.75
N ARG C 174 -5.16 -21.17 7.01
CA ARG C 174 -6.57 -20.96 7.34
C ARG C 174 -6.93 -19.48 7.39
N TYR C 175 -6.07 -18.65 7.99
CA TYR C 175 -6.45 -17.27 8.30
C TYR C 175 -5.79 -16.22 7.43
N ALA C 176 -4.75 -16.57 6.69
CA ALA C 176 -3.93 -15.59 6.00
C ALA C 176 -3.81 -15.86 4.51
N THR C 177 -4.65 -16.74 3.96
CA THR C 177 -4.67 -16.95 2.52
C THR C 177 -6.09 -16.83 1.98
N ARG D 21 12.90 8.99 32.18
CA ARG D 21 12.78 10.44 32.07
C ARG D 21 14.15 11.10 31.91
N GLY D 22 14.21 12.13 31.06
CA GLY D 22 15.47 12.74 30.66
C GLY D 22 15.83 14.07 31.30
N LEU D 23 16.25 15.04 30.49
CA LEU D 23 16.98 16.24 30.94
C LEU D 23 16.05 17.42 31.22
N THR D 24 16.54 18.36 32.06
CA THR D 24 15.84 19.60 32.37
C THR D 24 16.29 20.74 31.46
N LYS D 25 15.44 21.76 31.38
CA LYS D 25 15.66 22.89 30.47
C LYS D 25 17.05 23.48 30.66
N GLU D 26 17.55 23.44 31.89
CA GLU D 26 18.93 23.85 32.13
C GLU D 26 19.90 22.96 31.36
N GLN D 27 19.90 21.65 31.66
CA GLN D 27 20.94 20.81 31.06
C GLN D 27 20.74 20.58 29.56
N ILE D 28 19.63 21.02 28.98
CA ILE D 28 19.47 20.95 27.53
C ILE D 28 20.24 22.07 26.85
N ASP D 29 20.27 23.26 27.47
CA ASP D 29 20.99 24.39 26.90
C ASP D 29 22.51 24.28 27.03
N ASN D 30 23.00 23.34 27.86
CA ASN D 30 24.44 23.11 27.96
C ASN D 30 24.94 22.16 26.88
N LEU D 31 24.23 22.09 25.75
CA LEU D 31 24.60 21.24 24.62
C LEU D 31 24.91 22.11 23.40
N ALA D 32 25.92 21.70 22.65
CA ALA D 32 26.45 22.51 21.55
C ALA D 32 25.36 22.80 20.53
N MET D 33 25.44 23.99 19.94
CA MET D 33 24.36 24.46 19.09
C MET D 33 24.87 25.58 18.19
N ARG D 34 24.32 25.63 16.97
CA ARG D 34 24.79 26.59 15.98
C ARG D 34 23.66 26.90 14.99
N SER D 35 23.93 27.85 14.10
CA SER D 35 23.02 28.23 13.03
C SER D 35 23.42 27.56 11.73
N PHE D 36 22.46 27.51 10.81
CA PHE D 36 22.63 26.89 9.51
C PHE D 36 23.81 27.48 8.74
N GLY D 37 24.70 26.61 8.27
CA GLY D 37 25.70 26.97 7.28
C GLY D 37 25.55 26.06 6.06
N GLU D 38 26.24 26.43 4.97
CA GLU D 38 25.87 25.93 3.66
C GLU D 38 26.01 24.41 3.53
N ASN D 39 26.97 23.79 4.24
CA ASN D 39 27.11 22.33 4.15
C ASN D 39 25.84 21.62 4.60
N ASP D 40 25.12 22.20 5.57
CA ASP D 40 23.93 21.58 6.14
C ASP D 40 22.80 21.44 5.13
N ALA D 41 22.85 22.21 4.03
CA ALA D 41 21.81 22.16 3.00
C ALA D 41 21.62 20.75 2.45
N LEU D 42 22.57 19.86 2.70
CA LEU D 42 22.48 18.50 2.20
C LEU D 42 22.49 17.46 3.31
N LYS D 43 22.08 17.84 4.52
CA LYS D 43 21.80 16.86 5.56
C LYS D 43 20.32 16.93 5.95
N THR D 44 19.83 15.86 6.56
CA THR D 44 18.44 15.72 6.94
C THR D 44 18.36 15.46 8.44
N CYS D 45 17.53 16.22 9.15
CA CYS D 45 17.22 15.89 10.53
C CYS D 45 16.50 14.56 10.56
N SER D 46 17.01 13.61 11.33
CA SER D 46 16.37 12.30 11.37
C SER D 46 15.06 12.32 12.13
N VAL D 47 14.78 13.36 12.91
CA VAL D 47 13.54 13.37 13.68
C VAL D 47 12.37 13.87 12.86
N CYS D 48 12.58 14.86 11.99
CA CYS D 48 11.49 15.35 11.16
C CYS D 48 11.67 14.99 9.70
N ILE D 49 12.71 14.21 9.37
CA ILE D 49 13.08 13.79 8.01
C ILE D 49 12.90 14.95 7.02
N THR D 50 13.48 16.09 7.37
CA THR D 50 13.45 17.28 6.55
C THR D 50 14.87 17.80 6.43
N GLU D 51 15.26 18.27 5.25
CA GLU D 51 16.61 18.80 5.08
C GLU D 51 16.70 20.19 5.69
N TYR D 52 17.84 20.48 6.31
CA TYR D 52 18.06 21.78 6.92
C TYR D 52 18.03 22.88 5.88
N THR D 53 17.44 24.01 6.25
CA THR D 53 17.34 25.18 5.40
C THR D 53 17.94 26.38 6.14
N GLU D 54 18.07 27.51 5.45
CA GLU D 54 18.65 28.68 6.09
C GLU D 54 17.64 29.30 7.03
N GLY D 55 18.14 29.76 8.19
CA GLY D 55 17.30 30.08 9.33
C GLY D 55 17.39 29.05 10.44
N ASN D 56 17.53 27.78 10.05
CA ASN D 56 17.55 26.67 11.01
C ASN D 56 18.66 26.82 12.05
N LYS D 57 18.36 26.43 13.28
CA LYS D 57 19.35 26.26 14.33
C LYS D 57 19.47 24.78 14.65
N LEU D 58 20.69 24.31 14.88
CA LEU D 58 20.95 22.88 15.02
C LEU D 58 21.67 22.60 16.33
N ARG D 59 21.33 21.48 16.95
CA ARG D 59 21.97 21.03 18.18
C ARG D 59 22.70 19.72 17.94
N LYS D 60 23.93 19.62 18.44
CA LYS D 60 24.79 18.45 18.30
C LYS D 60 25.04 17.83 19.67
N LEU D 61 24.71 16.54 19.79
CA LEU D 61 24.90 15.78 21.02
C LEU D 61 26.35 15.33 21.17
N PRO D 62 26.78 14.95 22.39
CA PRO D 62 28.20 14.59 22.59
C PRO D 62 28.65 13.40 21.74
N CYS D 63 27.71 12.62 21.21
CA CYS D 63 28.02 11.51 20.32
C CYS D 63 28.28 11.94 18.89
N SER D 64 28.06 13.23 18.57
CA SER D 64 28.23 13.92 17.28
C SER D 64 26.96 13.96 16.43
N HIS D 65 25.87 13.32 16.83
CA HIS D 65 24.66 13.38 16.01
C HIS D 65 23.95 14.72 16.19
N GLU D 66 23.48 15.29 15.07
CA GLU D 66 22.91 16.62 15.02
C GLU D 66 21.44 16.56 14.66
N TYR D 67 20.69 17.56 15.12
CA TYR D 67 19.24 17.64 14.94
C TYR D 67 18.81 19.11 14.87
N HIS D 68 17.60 19.36 14.37
CA HIS D 68 16.95 20.64 14.63
C HIS D 68 16.90 20.85 16.14
N VAL D 69 17.09 22.08 16.59
CA VAL D 69 16.99 22.36 18.02
C VAL D 69 15.63 21.92 18.56
N HIS D 70 14.54 22.39 17.94
CA HIS D 70 13.22 22.05 18.46
C HIS D 70 12.95 20.54 18.37
N CYS D 71 13.58 19.85 17.42
CA CYS D 71 13.34 18.41 17.29
C CYS D 71 14.01 17.63 18.41
N ILE D 72 15.30 17.89 18.68
CA ILE D 72 16.00 17.15 19.73
C ILE D 72 15.58 17.62 21.13
N ASP D 73 15.27 18.92 21.29
CA ASP D 73 14.88 19.43 22.60
C ASP D 73 13.57 18.81 23.07
N ARG D 74 12.63 18.53 22.16
CA ARG D 74 11.39 17.89 22.57
C ARG D 74 11.63 16.46 23.05
N TRP D 75 12.44 15.71 22.30
CA TRP D 75 12.77 14.36 22.75
C TRP D 75 13.43 14.38 24.12
N LEU D 76 14.40 15.26 24.29
CA LEU D 76 15.22 15.28 25.51
C LEU D 76 14.48 15.89 26.69
N SER D 77 13.26 16.39 26.52
CA SER D 77 12.48 16.81 27.67
C SER D 77 12.00 15.59 28.46
N GLU D 78 11.82 14.45 27.79
CA GLU D 78 11.32 13.25 28.44
C GLU D 78 12.24 12.04 28.26
N ASN D 79 13.40 12.22 27.64
CA ASN D 79 14.34 11.13 27.39
C ASN D 79 15.75 11.69 27.48
N SER D 80 16.70 10.80 27.75
CA SER D 80 18.08 11.18 28.03
C SER D 80 19.07 10.57 27.07
N THR D 81 18.60 9.99 25.97
CA THR D 81 19.43 9.22 25.08
C THR D 81 19.32 9.76 23.67
N CYS D 82 20.33 9.45 22.86
CA CYS D 82 20.38 9.98 21.52
C CYS D 82 19.43 9.20 20.60
N PRO D 83 18.54 9.89 19.86
CA PRO D 83 17.64 9.18 18.92
C PRO D 83 18.32 8.18 18.01
N ILE D 84 19.53 8.46 17.55
CA ILE D 84 20.14 7.64 16.52
C ILE D 84 20.97 6.51 17.11
N CYS D 85 21.90 6.82 18.02
CA CYS D 85 22.79 5.80 18.57
C CYS D 85 22.42 5.33 19.97
N ARG D 86 21.49 6.02 20.65
CA ARG D 86 20.96 5.68 21.97
C ARG D 86 21.96 5.89 23.11
N ARG D 87 23.17 6.36 22.84
CA ARG D 87 24.11 6.69 23.92
C ARG D 87 23.53 7.78 24.81
N ALA D 88 23.80 7.67 26.10
CA ALA D 88 23.34 8.67 27.06
C ALA D 88 23.93 10.03 26.74
N VAL D 89 23.11 11.07 26.89
CA VAL D 89 23.59 12.40 26.55
C VAL D 89 24.51 12.93 27.65
N LEU D 90 24.33 12.48 28.89
CA LEU D 90 25.20 12.89 29.98
C LEU D 90 26.35 11.91 30.20
#